data_7GSN
#
_entry.id   7GSN
#
_cell.length_a   89.810
_cell.length_b   89.810
_cell.length_c   106.540
_cell.angle_alpha   90.000
_cell.angle_beta   90.000
_cell.angle_gamma   120.000
#
_symmetry.space_group_name_H-M   'P 31 2 1'
#
loop_
_entity.id
_entity.type
_entity.pdbx_description
1 polymer 'Tyrosine-protein phosphatase non-receptor type 1'
2 non-polymer 2-AMINO-2-HYDROXYMETHYL-PROPANE-1,3-DIOL
3 non-polymer '4-[(thiophen-2-yl)methyl]benzoic acid'
4 water water
#
_entity_poly.entity_id   1
_entity_poly.type   'polypeptide(L)'
_entity_poly.pdbx_seq_one_letter_code
;MEMEKEFEQIDKSGSWAAIYQDIRHEASDFPSRVAKLPKNKNRNRYRDVSPFDHSRIKLHQEDNDYINASLIKMEEAQRS
YILTQGPLPNTVGHFWEMVWEQKSRGVVMLNRVMEKGSLKCAQYWPQKEEKEMIFEDTNLKLTLISEDIKSYYTVRQLEL
ENLTTQETREILHFHYTTWPDFGVPESPASFLNFLFKVRESGSLSPEHGPVVVHCSAGIGRSGTFCLADTCLLLMDKRKD
PSSVDIKKVLLEMRKFRMGLIQTADQLRFSYLAVIEGAKFIMGDSSVQDQWKELSHEDLEPPPEHIPPPPRPPKRILEPH
N
;
_entity_poly.pdbx_strand_id   A
#
loop_
_chem_comp.id
_chem_comp.type
_chem_comp.name
_chem_comp.formula
R7T non-polymer '4-[(thiophen-2-yl)methyl]benzoic acid' 'C12 H10 O2 S'
TRS non-polymer 2-AMINO-2-HYDROXYMETHYL-PROPANE-1,3-DIOL 'C4 H12 N O3 1'
#
# COMPACT_ATOMS: atom_id res chain seq x y z
N MET A 1 25.85 10.89 5.98
CA MET A 1 24.38 10.68 6.14
C MET A 1 24.12 9.83 7.40
N GLU A 2 23.37 10.40 8.35
CA GLU A 2 23.19 9.84 9.72
C GLU A 2 22.50 8.47 9.61
N MET A 3 21.29 8.44 9.02
CA MET A 3 20.55 7.18 8.75
C MET A 3 21.55 6.16 8.17
N GLU A 4 22.47 6.62 7.31
CA GLU A 4 23.50 5.76 6.68
C GLU A 4 24.51 5.30 7.73
N LYS A 5 24.79 6.12 8.74
CA LYS A 5 25.70 5.74 9.84
C LYS A 5 24.97 4.71 10.71
N GLU A 6 23.75 5.04 11.16
CA GLU A 6 22.92 4.10 11.96
C GLU A 6 22.87 2.78 11.17
N PHE A 7 22.80 2.85 9.83
CA PHE A 7 22.67 1.66 8.93
C PHE A 7 23.93 0.80 9.02
N GLU A 8 25.11 1.42 8.85
CA GLU A 8 26.41 0.70 8.83
C GLU A 8 26.68 0.12 10.23
N GLN A 9 26.35 0.84 11.29
CA GLN A 9 26.43 0.36 12.71
C GLN A 9 25.56 -0.90 12.93
N ILE A 10 24.32 -0.94 12.47
CA ILE A 10 23.42 -2.13 12.66
C ILE A 10 23.97 -3.28 11.80
N ASP A 11 24.39 -3.01 10.56
CA ASP A 11 24.94 -4.04 9.63
C ASP A 11 26.22 -4.64 10.24
N LYS A 12 27.17 -3.81 10.66
CA LYS A 12 28.47 -4.33 11.17
C LYS A 12 28.20 -5.15 12.43
N SER A 13 27.23 -4.74 13.26
CA SER A 13 26.87 -5.44 14.52
C SER A 13 25.89 -6.58 14.30
N GLY A 14 25.34 -6.75 13.08
CA GLY A 14 24.29 -7.74 12.75
C GLY A 14 23.15 -7.72 13.75
N SER A 15 22.54 -6.57 14.01
CA SER A 15 21.45 -6.44 15.00
C SER A 15 20.09 -6.11 14.37
N TRP A 16 19.85 -6.43 13.10
CA TRP A 16 18.55 -6.12 12.42
C TRP A 16 17.41 -6.81 13.20
N ALA A 17 17.58 -8.07 13.61
CA ALA A 17 16.51 -8.83 14.30
C ALA A 17 16.17 -8.16 15.63
N ALA A 18 17.17 -7.61 16.31
CA ALA A 18 16.98 -6.93 17.63
C ALA A 18 16.25 -5.60 17.46
N ILE A 19 16.65 -4.74 16.50
CA ILE A 19 15.95 -3.46 16.19
C ILE A 19 14.46 -3.76 15.87
N TYR A 20 14.22 -4.75 14.99
CA TYR A 20 12.87 -5.12 14.49
C TYR A 20 12.00 -5.51 15.70
N GLN A 21 12.51 -6.38 16.57
CA GLN A 21 11.71 -6.86 17.73
C GLN A 21 11.38 -5.68 18.66
N ASP A 22 12.28 -4.71 18.84
CA ASP A 22 12.01 -3.49 19.65
C ASP A 22 10.80 -2.72 19.08
N ILE A 23 10.74 -2.56 17.76
CA ILE A 23 9.55 -1.93 17.10
C ILE A 23 8.31 -2.75 17.41
N ARG A 24 8.37 -4.07 17.26
CA ARG A 24 7.20 -4.95 17.51
C ARG A 24 6.72 -4.71 18.95
N HIS A 25 7.65 -4.55 19.88
CA HIS A 25 7.32 -4.43 21.33
C HIS A 25 6.62 -3.08 21.62
N GLU A 26 7.06 -2.00 21.01
CA GLU A 26 6.58 -0.61 21.26
C GLU A 26 5.33 -0.26 20.43
N ALA A 27 4.89 -1.12 19.50
CA ALA A 27 3.84 -0.78 18.51
C ALA A 27 2.50 -0.68 19.24
N SER A 28 1.63 0.19 18.76
CA SER A 28 0.27 0.42 19.28
C SER A 28 -0.56 -0.86 19.25
N ASP A 29 -1.47 -0.99 20.21
CA ASP A 29 -2.51 -2.06 20.20
C ASP A 29 -3.85 -1.40 20.41
N PHE A 30 -4.73 -1.46 19.41
CA PHE A 30 -6.05 -0.83 19.46
C PHE A 30 -7.04 -1.94 19.16
N PRO A 31 -8.32 -1.80 19.55
CA PRO A 31 -9.33 -2.80 19.21
C PRO A 31 -9.65 -2.88 17.70
N SER A 32 -9.95 -4.12 17.26
CA SER A 32 -10.45 -4.51 15.90
C SER A 32 -11.73 -5.33 16.04
N ARG A 33 -12.73 -4.83 16.76
CA ARG A 33 -13.95 -5.62 17.11
C ARG A 33 -14.80 -5.85 15.85
N VAL A 34 -15.00 -4.86 14.98
CA VAL A 34 -15.82 -5.07 13.76
C VAL A 34 -15.19 -6.19 12.90
N ALA A 35 -13.87 -6.20 12.69
CA ALA A 35 -13.17 -7.21 11.84
C ALA A 35 -13.50 -8.62 12.37
N LYS A 36 -13.70 -8.78 13.68
CA LYS A 36 -13.80 -10.13 14.29
C LYS A 36 -15.26 -10.58 14.40
N LEU A 37 -16.26 -9.77 14.03
CA LEU A 37 -17.68 -10.22 14.04
C LEU A 37 -17.85 -11.44 13.11
N PRO A 38 -18.68 -12.44 13.51
CA PRO A 38 -18.89 -13.63 12.70
C PRO A 38 -19.38 -13.35 11.26
N LYS A 39 -20.23 -12.36 11.05
CA LYS A 39 -20.71 -11.97 9.70
C LYS A 39 -19.52 -11.59 8.79
N ASN A 40 -18.31 -11.33 9.29
CA ASN A 40 -17.21 -10.74 8.45
C ASN A 40 -16.12 -11.77 8.19
N LYS A 41 -16.35 -13.02 8.59
CA LYS A 41 -15.27 -14.02 8.50
C LYS A 41 -14.80 -14.20 7.04
N ASN A 42 -15.71 -14.23 6.08
CA ASN A 42 -15.28 -14.43 4.68
C ASN A 42 -14.82 -13.12 4.04
N ARG A 43 -14.68 -12.01 4.79
CA ARG A 43 -14.19 -10.70 4.26
C ARG A 43 -12.72 -10.48 4.65
N ASN A 44 -12.14 -11.42 5.38
CA ASN A 44 -10.75 -11.37 5.87
C ASN A 44 -9.93 -12.49 5.24
N ARG A 45 -8.80 -12.14 4.64
CA ARG A 45 -7.89 -13.11 4.03
C ARG A 45 -7.14 -13.84 5.13
N TYR A 46 -6.67 -13.15 6.16
CA TYR A 46 -5.80 -13.70 7.22
C TYR A 46 -6.39 -13.36 8.60
N ARG A 47 -6.51 -14.38 9.44
CA ARG A 47 -7.14 -14.29 10.78
C ARG A 47 -6.34 -13.32 11.69
N ASP A 48 -5.05 -13.18 11.48
CA ASP A 48 -4.16 -12.34 12.34
C ASP A 48 -3.88 -10.96 11.72
N VAL A 49 -4.57 -10.55 10.64
CA VAL A 49 -4.37 -9.17 10.06
C VAL A 49 -5.73 -8.51 9.93
N SER A 50 -6.00 -7.53 10.80
CA SER A 50 -7.29 -6.81 10.87
C SER A 50 -7.04 -5.32 10.97
N PRO A 51 -7.96 -4.52 10.39
CA PRO A 51 -7.93 -3.07 10.58
C PRO A 51 -8.43 -2.71 12.00
N PHE A 52 -7.80 -1.72 12.62
CA PHE A 52 -8.28 -1.14 13.89
C PHE A 52 -9.62 -0.50 13.65
N ASP A 53 -10.50 -0.51 14.66
CA ASP A 53 -11.84 0.15 14.55
C ASP A 53 -11.70 1.66 14.29
N HIS A 54 -10.74 2.35 14.88
CA HIS A 54 -10.69 3.83 14.86
C HIS A 54 -10.33 4.33 13.44
N SER A 55 -9.53 3.56 12.68
CA SER A 55 -8.96 3.99 11.36
C SER A 55 -9.53 3.16 10.19
N ARG A 56 -10.54 2.30 10.42
CA ARG A 56 -11.02 1.42 9.30
C ARG A 56 -11.80 2.25 8.28
N ILE A 57 -11.68 1.86 6.99
CA ILE A 57 -12.55 2.46 5.93
C ILE A 57 -13.92 1.83 6.04
N LYS A 58 -14.94 2.67 6.11
CA LYS A 58 -16.36 2.26 6.05
C LYS A 58 -16.95 2.35 4.62
N LEU A 59 -17.53 1.25 4.15
CA LEU A 59 -18.35 1.26 2.92
C LEU A 59 -19.66 2.03 3.17
N HIS A 60 -20.15 2.79 2.18
CA HIS A 60 -21.38 3.63 2.30
C HIS A 60 -22.56 2.73 1.96
N GLN A 61 -22.89 1.81 2.86
CA GLN A 61 -24.11 0.98 2.74
C GLN A 61 -24.53 0.50 4.12
N GLU A 62 -25.84 0.33 4.29
CA GLU A 62 -26.49 0.12 5.61
C GLU A 62 -26.40 -1.36 5.98
N ASP A 63 -26.39 -2.24 4.97
CA ASP A 63 -26.30 -3.71 5.12
C ASP A 63 -25.07 -4.05 5.97
N ASN A 64 -23.88 -3.94 5.40
CA ASN A 64 -22.61 -4.30 6.07
C ASN A 64 -21.53 -3.36 5.54
N ASP A 65 -21.00 -2.48 6.39
CA ASP A 65 -20.04 -1.42 5.97
C ASP A 65 -18.59 -1.90 6.01
N TYR A 66 -18.34 -3.20 6.23
CA TYR A 66 -16.99 -3.68 6.57
C TYR A 66 -16.14 -4.04 5.32
N ILE A 67 -14.88 -3.57 5.33
CA ILE A 67 -13.80 -4.01 4.40
C ILE A 67 -12.50 -4.00 5.19
N ASN A 68 -11.63 -4.97 4.92
CA ASN A 68 -10.29 -5.01 5.52
C ASN A 68 -9.39 -3.94 4.85
N ALA A 69 -9.46 -2.70 5.33
CA ALA A 69 -8.75 -1.53 4.81
C ALA A 69 -8.65 -0.46 5.92
N SER A 70 -7.53 0.26 5.94
CA SER A 70 -7.18 1.27 6.96
C SER A 70 -6.74 2.60 6.31
N LEU A 71 -7.14 3.73 6.92
CA LEU A 71 -6.65 5.07 6.51
C LEU A 71 -5.41 5.46 7.30
N ILE A 72 -4.27 5.61 6.65
CA ILE A 72 -2.99 6.02 7.30
C ILE A 72 -2.86 7.54 7.03
N LYS A 73 -3.08 8.40 8.03
CA LYS A 73 -3.05 9.88 7.82
C LYS A 73 -1.76 10.46 8.39
N MET A 74 -0.81 10.92 7.55
CA MET A 74 0.53 11.38 8.03
C MET A 74 0.49 12.93 8.09
N GLU A 75 0.31 13.47 9.29
CA GLU A 75 -0.08 14.89 9.52
C GLU A 75 1.04 15.83 9.07
N GLU A 76 2.27 15.60 9.52
CA GLU A 76 3.43 16.49 9.15
C GLU A 76 3.79 16.39 7.67
N ALA A 77 3.78 15.17 7.11
CA ALA A 77 4.10 14.98 5.67
C ALA A 77 2.95 15.45 4.78
N GLN A 78 1.72 15.64 5.30
CA GLN A 78 0.54 16.00 4.47
C GLN A 78 0.32 14.93 3.38
N ARG A 79 0.38 13.64 3.73
CA ARG A 79 0.04 12.51 2.82
C ARG A 79 -0.94 11.58 3.52
N SER A 80 -1.91 11.04 2.80
CA SER A 80 -2.82 9.96 3.27
C SER A 80 -2.71 8.75 2.32
N TYR A 81 -2.84 7.56 2.87
CA TYR A 81 -2.82 6.28 2.12
C TYR A 81 -3.93 5.39 2.66
N ILE A 82 -4.62 4.65 1.78
CA ILE A 82 -5.44 3.51 2.24
C ILE A 82 -4.63 2.24 2.00
N LEU A 83 -4.33 1.47 3.06
CA LEU A 83 -3.69 0.15 2.94
C LEU A 83 -4.76 -0.96 3.11
N THR A 84 -4.79 -1.92 2.19
CA THR A 84 -5.85 -2.97 2.17
C THR A 84 -5.21 -4.31 1.77
N GLN A 85 -5.92 -5.38 2.06
CA GLN A 85 -5.52 -6.75 1.64
C GLN A 85 -5.75 -6.87 0.12
N GLY A 86 -5.13 -7.86 -0.51
CA GLY A 86 -5.52 -8.27 -1.86
C GLY A 86 -6.98 -8.73 -1.84
N PRO A 87 -7.83 -8.26 -2.78
CA PRO A 87 -9.23 -8.64 -2.79
C PRO A 87 -9.48 -10.15 -2.90
N LEU A 88 -10.52 -10.60 -2.23
CA LEU A 88 -11.01 -12.01 -2.23
C LEU A 88 -12.12 -12.13 -3.26
N PRO A 89 -12.44 -13.37 -3.68
CA PRO A 89 -13.51 -13.59 -4.65
C PRO A 89 -14.81 -12.92 -4.22
N ASN A 90 -15.13 -12.93 -2.94
CA ASN A 90 -16.40 -12.27 -2.52
C ASN A 90 -16.20 -10.79 -2.09
N THR A 91 -15.00 -10.19 -2.18
CA THR A 91 -14.83 -8.74 -1.86
C THR A 91 -14.35 -7.90 -3.05
N VAL A 92 -14.34 -8.42 -4.28
CA VAL A 92 -13.89 -7.59 -5.43
C VAL A 92 -14.85 -6.42 -5.63
N GLY A 93 -16.16 -6.64 -5.49
CA GLY A 93 -17.14 -5.55 -5.64
C GLY A 93 -17.02 -4.50 -4.54
N HIS A 94 -16.74 -4.92 -3.28
CA HIS A 94 -16.47 -4.01 -2.12
C HIS A 94 -15.23 -3.14 -2.40
N PHE A 95 -14.18 -3.75 -2.95
CA PHE A 95 -12.90 -3.08 -3.27
C PHE A 95 -13.17 -1.89 -4.20
N TRP A 96 -13.91 -2.11 -5.31
CA TRP A 96 -14.14 -1.05 -6.31
C TRP A 96 -15.15 -0.01 -5.73
N GLU A 97 -16.09 -0.42 -4.90
CA GLU A 97 -16.98 0.51 -4.15
C GLU A 97 -16.14 1.49 -3.32
N MET A 98 -15.13 0.98 -2.60
CA MET A 98 -14.22 1.80 -1.77
C MET A 98 -13.46 2.80 -2.66
N VAL A 99 -12.89 2.32 -3.77
CA VAL A 99 -12.14 3.23 -4.67
C VAL A 99 -13.07 4.38 -5.11
N TRP A 100 -14.30 4.06 -5.47
CA TRP A 100 -15.31 5.03 -5.95
C TRP A 100 -15.62 6.02 -4.82
N GLU A 101 -16.03 5.49 -3.67
CA GLU A 101 -16.53 6.35 -2.53
C GLU A 101 -15.42 7.22 -1.96
N GLN A 102 -14.16 6.76 -1.95
CA GLN A 102 -13.05 7.53 -1.37
C GLN A 102 -12.42 8.48 -2.39
N LYS A 103 -12.85 8.48 -3.66
CA LYS A 103 -12.35 9.37 -4.76
C LYS A 103 -10.89 9.16 -5.09
N SER A 104 -10.38 7.95 -4.92
CA SER A 104 -9.00 7.59 -5.28
C SER A 104 -8.77 7.75 -6.80
N ARG A 105 -7.58 8.15 -7.18
CA ARG A 105 -7.11 8.26 -8.59
C ARG A 105 -6.27 7.02 -8.93
N GLY A 106 -5.53 6.46 -7.97
CA GLY A 106 -4.59 5.36 -8.25
C GLY A 106 -4.80 4.17 -7.34
N VAL A 107 -4.46 3.00 -7.86
CA VAL A 107 -4.33 1.71 -7.10
C VAL A 107 -2.90 1.24 -7.32
N VAL A 108 -2.20 0.94 -6.23
CA VAL A 108 -0.82 0.41 -6.25
C VAL A 108 -0.85 -1.06 -5.81
N MET A 109 -0.42 -1.99 -6.66
CA MET A 109 -0.42 -3.45 -6.44
C MET A 109 1.03 -3.93 -6.40
N LEU A 110 1.47 -4.59 -5.30
CA LEU A 110 2.88 -4.94 -5.12
C LEU A 110 3.10 -6.46 -5.19
N ASN A 111 2.07 -7.21 -5.56
CA ASN A 111 2.16 -8.70 -5.61
C ASN A 111 1.73 -9.17 -7.00
N ARG A 112 2.01 -10.45 -7.29
CA ARG A 112 1.46 -11.18 -8.46
C ARG A 112 0.25 -11.96 -7.96
N VAL A 113 -0.71 -12.22 -8.84
CA VAL A 113 -1.96 -12.95 -8.52
C VAL A 113 -1.60 -14.37 -8.00
N MET A 114 -0.58 -14.99 -8.60
CA MET A 114 -0.04 -16.26 -8.08
C MET A 114 1.41 -16.07 -7.67
N GLU A 115 1.75 -16.49 -6.45
CA GLU A 115 3.17 -16.53 -5.97
C GLU A 115 3.36 -17.81 -5.14
N LYS A 116 4.56 -18.40 -5.21
CA LYS A 116 4.85 -19.66 -4.46
C LYS A 116 3.79 -20.74 -4.74
N GLY A 117 3.21 -20.76 -5.95
CA GLY A 117 2.20 -21.74 -6.40
C GLY A 117 0.83 -21.63 -5.78
N SER A 118 0.49 -20.51 -5.12
CA SER A 118 -0.83 -20.32 -4.44
C SER A 118 -1.43 -18.97 -4.87
N LEU A 119 -2.72 -18.83 -4.79
CA LEU A 119 -3.38 -17.55 -5.16
C LEU A 119 -3.20 -16.53 -4.02
N LYS A 120 -2.61 -15.37 -4.30
CA LYS A 120 -2.41 -14.30 -3.29
C LYS A 120 -3.49 -13.21 -3.38
N CYS A 121 -4.24 -13.14 -4.49
CA CYS A 121 -5.42 -12.25 -4.60
C CYS A 121 -6.22 -12.54 -5.89
N ALA A 122 -7.46 -12.12 -5.91
CA ALA A 122 -8.38 -12.40 -7.02
C ALA A 122 -7.91 -11.63 -8.26
N GLN A 123 -8.30 -12.10 -9.45
CA GLN A 123 -8.08 -11.38 -10.73
C GLN A 123 -9.17 -10.32 -10.76
N TYR A 124 -8.93 -9.11 -10.21
CA TYR A 124 -9.98 -8.13 -9.86
C TYR A 124 -10.11 -7.04 -10.95
N TRP A 125 -9.29 -7.08 -12.01
CA TRP A 125 -9.35 -6.10 -13.13
C TRP A 125 -9.40 -6.86 -14.48
N PRO A 126 -9.99 -6.28 -15.55
CA PRO A 126 -10.12 -6.98 -16.84
C PRO A 126 -8.78 -7.02 -17.59
N GLN A 127 -8.56 -8.13 -18.32
CA GLN A 127 -7.27 -8.39 -19.01
C GLN A 127 -7.38 -8.01 -20.50
N LYS A 128 -8.57 -7.84 -21.00
CA LYS A 128 -8.81 -7.47 -22.42
C LYS A 128 -9.80 -6.32 -22.49
N GLU A 129 -9.52 -5.40 -23.41
CA GLU A 129 -10.36 -4.21 -23.66
C GLU A 129 -11.81 -4.64 -23.87
N GLU A 130 -12.04 -5.63 -24.73
CA GLU A 130 -13.42 -5.97 -25.17
C GLU A 130 -14.13 -6.90 -24.19
N LYS A 131 -13.53 -7.23 -23.04
CA LYS A 131 -14.21 -8.06 -21.99
C LYS A 131 -14.25 -7.32 -20.65
N GLU A 132 -15.20 -6.42 -20.50
CA GLU A 132 -15.30 -5.56 -19.30
C GLU A 132 -15.82 -6.44 -18.14
N MET A 133 -15.81 -5.92 -16.89
CA MET A 133 -16.26 -6.65 -15.68
C MET A 133 -17.40 -5.84 -15.08
N ILE A 134 -18.47 -6.51 -14.71
CA ILE A 134 -19.60 -5.90 -13.99
C ILE A 134 -19.66 -6.54 -12.58
N PHE A 135 -19.78 -5.69 -11.55
CA PHE A 135 -19.86 -6.09 -10.12
C PHE A 135 -21.31 -5.85 -9.71
N GLU A 136 -22.14 -6.90 -9.73
CA GLU A 136 -23.61 -6.72 -9.60
C GLU A 136 -23.95 -6.30 -8.16
N ASP A 137 -23.23 -6.82 -7.18
CA ASP A 137 -23.49 -6.50 -5.74
C ASP A 137 -23.29 -5.00 -5.46
N THR A 138 -22.37 -4.27 -6.10
CA THR A 138 -22.12 -2.81 -5.83
C THR A 138 -22.52 -1.91 -7.03
N ASN A 139 -23.01 -2.48 -8.13
CA ASN A 139 -23.51 -1.70 -9.31
C ASN A 139 -22.40 -0.87 -9.97
N LEU A 140 -21.25 -1.49 -10.25
CA LEU A 140 -20.09 -0.85 -10.92
C LEU A 140 -19.68 -1.63 -12.19
N LYS A 141 -19.18 -0.90 -13.19
CA LYS A 141 -18.57 -1.49 -14.40
C LYS A 141 -17.14 -1.01 -14.53
N LEU A 142 -16.23 -1.94 -14.89
CA LEU A 142 -14.79 -1.66 -14.96
C LEU A 142 -14.30 -2.11 -16.36
N THR A 143 -13.68 -1.23 -17.12
CA THR A 143 -13.15 -1.50 -18.49
C THR A 143 -11.67 -1.22 -18.57
N LEU A 144 -10.89 -2.13 -19.18
CA LEU A 144 -9.48 -1.84 -19.50
C LEU A 144 -9.42 -0.89 -20.70
N ILE A 145 -8.71 0.24 -20.55
CA ILE A 145 -8.60 1.32 -21.56
C ILE A 145 -7.26 1.15 -22.28
N SER A 146 -6.18 0.90 -21.56
CA SER A 146 -4.83 0.74 -22.15
C SER A 146 -3.94 0.08 -21.13
N GLU A 147 -2.82 -0.45 -21.60
CA GLU A 147 -1.88 -1.25 -20.78
C GLU A 147 -0.49 -0.93 -21.30
N ASP A 148 0.46 -0.58 -20.43
CA ASP A 148 1.88 -0.29 -20.77
C ASP A 148 2.79 -1.22 -19.95
N ILE A 149 3.34 -2.24 -20.59
CA ILE A 149 4.14 -3.30 -19.89
C ILE A 149 5.62 -2.98 -19.97
N LYS A 150 6.30 -2.81 -18.83
CA LYS A 150 7.75 -2.51 -18.77
C LYS A 150 8.43 -3.66 -18.07
N SER A 151 9.75 -3.61 -17.95
CA SER A 151 10.55 -4.73 -17.39
C SER A 151 10.22 -4.96 -15.91
N TYR A 152 9.96 -3.93 -15.11
CA TYR A 152 9.82 -4.10 -13.64
C TYR A 152 8.39 -3.80 -13.13
N TYR A 153 7.56 -3.19 -13.98
CA TYR A 153 6.17 -2.79 -13.63
C TYR A 153 5.32 -2.60 -14.89
N THR A 154 4.00 -2.67 -14.72
CA THR A 154 2.98 -2.44 -15.76
C THR A 154 2.07 -1.30 -15.27
N VAL A 155 1.76 -0.32 -16.11
CA VAL A 155 0.73 0.71 -15.81
C VAL A 155 -0.49 0.49 -16.69
N ARG A 156 -1.65 0.47 -16.07
CA ARG A 156 -2.95 0.36 -16.79
C ARG A 156 -3.82 1.58 -16.56
N GLN A 157 -4.53 1.97 -17.61
CA GLN A 157 -5.64 2.94 -17.54
C GLN A 157 -6.94 2.16 -17.49
N LEU A 158 -7.77 2.42 -16.48
CA LEU A 158 -9.07 1.73 -16.25
C LEU A 158 -10.16 2.79 -16.24
N GLU A 159 -11.36 2.43 -16.68
CA GLU A 159 -12.54 3.30 -16.57
C GLU A 159 -13.51 2.64 -15.59
N LEU A 160 -13.87 3.34 -14.52
CA LEU A 160 -14.83 2.87 -13.51
C LEU A 160 -16.12 3.69 -13.67
N GLU A 161 -17.22 3.00 -13.89
CA GLU A 161 -18.55 3.60 -14.08
C GLU A 161 -19.45 3.23 -12.93
N ASN A 162 -20.01 4.23 -12.28
CA ASN A 162 -21.11 4.05 -11.30
C ASN A 162 -22.42 3.84 -12.07
N LEU A 163 -22.91 2.58 -12.18
CA LEU A 163 -24.04 2.25 -13.09
C LEU A 163 -25.33 2.93 -12.58
N THR A 164 -25.33 3.36 -11.32
CA THR A 164 -26.48 4.04 -10.67
C THR A 164 -26.66 5.44 -11.25
N THR A 165 -25.58 6.19 -11.50
CA THR A 165 -25.57 7.63 -11.90
C THR A 165 -25.01 7.82 -13.32
N GLN A 166 -24.35 6.81 -13.89
CA GLN A 166 -23.66 6.89 -15.20
C GLN A 166 -22.51 7.90 -15.13
N GLU A 167 -22.01 8.25 -13.95
CA GLU A 167 -20.70 8.95 -13.89
C GLU A 167 -19.59 7.93 -14.16
N THR A 168 -18.48 8.39 -14.75
CA THR A 168 -17.26 7.60 -15.02
C THR A 168 -16.05 8.35 -14.46
N ARG A 169 -14.99 7.62 -14.13
CA ARG A 169 -13.69 8.19 -13.73
C ARG A 169 -12.60 7.32 -14.31
N GLU A 170 -11.48 7.94 -14.61
CA GLU A 170 -10.26 7.24 -15.00
C GLU A 170 -9.50 6.85 -13.71
N ILE A 171 -9.20 5.57 -13.51
CA ILE A 171 -8.32 5.05 -12.43
C ILE A 171 -7.00 4.56 -13.04
N LEU A 172 -5.86 4.93 -12.47
CA LEU A 172 -4.56 4.38 -12.89
C LEU A 172 -4.19 3.18 -11.97
N HIS A 173 -3.82 2.06 -12.57
CA HIS A 173 -3.34 0.83 -11.88
C HIS A 173 -1.83 0.72 -12.06
N PHE A 174 -1.06 0.85 -10.97
CA PHE A 174 0.42 0.72 -10.94
C PHE A 174 0.79 -0.63 -10.35
N HIS A 175 1.32 -1.55 -11.19
CA HIS A 175 1.52 -2.97 -10.81
C HIS A 175 3.00 -3.28 -10.81
N TYR A 176 3.61 -3.35 -9.64
CA TYR A 176 5.02 -3.74 -9.48
C TYR A 176 5.08 -5.27 -9.54
N THR A 177 5.71 -5.81 -10.59
CA THR A 177 5.56 -7.25 -10.99
C THR A 177 6.81 -8.09 -10.66
N THR A 178 7.87 -7.54 -10.08
CA THR A 178 9.17 -8.24 -9.95
C THR A 178 9.61 -8.37 -8.49
N TRP A 179 8.76 -8.13 -7.49
CA TRP A 179 9.19 -8.41 -6.09
C TRP A 179 9.41 -9.92 -6.02
N PRO A 180 10.58 -10.41 -5.55
CA PRO A 180 10.84 -11.88 -5.54
C PRO A 180 9.91 -12.65 -4.58
N ASP A 181 9.62 -13.93 -4.92
CA ASP A 181 8.77 -14.83 -4.10
C ASP A 181 9.30 -14.93 -2.65
N PHE A 182 10.63 -15.00 -2.43
CA PHE A 182 11.26 -14.99 -1.07
C PHE A 182 12.18 -13.76 -0.89
N GLY A 183 12.27 -13.27 0.33
CA GLY A 183 13.12 -12.11 0.67
C GLY A 183 12.70 -10.78 0.00
N VAL A 184 13.69 -9.93 -0.25
CA VAL A 184 13.47 -8.51 -0.69
C VAL A 184 14.40 -8.30 -1.87
N PRO A 185 14.15 -7.29 -2.73
CA PRO A 185 15.06 -7.03 -3.86
C PRO A 185 16.49 -6.72 -3.38
N GLU A 186 17.49 -7.13 -4.16
CA GLU A 186 18.92 -6.87 -3.83
C GLU A 186 19.26 -5.37 -3.89
N SER A 187 18.78 -4.65 -4.90
CA SER A 187 18.90 -3.17 -5.04
C SER A 187 17.50 -2.55 -4.97
N PRO A 188 17.37 -1.35 -4.37
CA PRO A 188 16.09 -0.64 -4.32
C PRO A 188 15.87 0.26 -5.54
N ALA A 189 16.77 0.22 -6.53
CA ALA A 189 16.69 1.13 -7.71
C ALA A 189 15.35 0.96 -8.41
N SER A 190 14.91 -0.26 -8.73
CA SER A 190 13.65 -0.45 -9.50
C SER A 190 12.44 -0.10 -8.64
N PHE A 191 12.45 -0.38 -7.34
CA PHE A 191 11.34 0.04 -6.42
C PHE A 191 11.22 1.58 -6.33
N LEU A 192 12.34 2.29 -6.20
CA LEU A 192 12.34 3.80 -6.18
C LEU A 192 11.86 4.34 -7.53
N ASN A 193 12.37 3.82 -8.66
CA ASN A 193 11.87 4.21 -10.00
C ASN A 193 10.34 4.09 -10.03
N PHE A 194 9.79 2.99 -9.54
CA PHE A 194 8.32 2.74 -9.53
C PHE A 194 7.61 3.79 -8.66
N LEU A 195 8.14 4.03 -7.45
CA LEU A 195 7.61 5.07 -6.52
C LEU A 195 7.49 6.41 -7.26
N PHE A 196 8.56 6.83 -7.95
CA PHE A 196 8.59 8.12 -8.69
C PHE A 196 7.48 8.12 -9.75
N LYS A 197 7.30 6.99 -10.44
CA LYS A 197 6.25 6.90 -11.51
C LYS A 197 4.88 7.12 -10.90
N VAL A 198 4.64 6.56 -9.71
CA VAL A 198 3.30 6.78 -9.05
C VAL A 198 3.19 8.29 -8.72
N ARG A 199 4.24 8.87 -8.18
CA ARG A 199 4.17 10.31 -7.76
C ARG A 199 3.86 11.18 -8.99
N GLU A 200 4.53 10.91 -10.13
CA GLU A 200 4.45 11.74 -11.36
C GLU A 200 3.05 11.69 -11.95
N SER A 201 2.28 10.62 -11.70
CA SER A 201 0.90 10.46 -12.18
C SER A 201 -0.11 11.41 -11.51
N GLY A 202 0.23 12.04 -10.39
CA GLY A 202 -0.78 12.77 -9.56
C GLY A 202 -1.52 11.89 -8.55
N SER A 203 -1.30 10.57 -8.54
CA SER A 203 -2.12 9.65 -7.69
C SER A 203 -1.97 9.92 -6.18
N LEU A 204 -0.84 10.51 -5.75
CA LEU A 204 -0.50 10.71 -4.31
C LEU A 204 -0.82 12.14 -3.87
N SER A 205 -1.39 12.93 -4.76
CA SER A 205 -1.51 14.39 -4.56
C SER A 205 -2.83 14.77 -3.88
N PRO A 206 -2.86 15.91 -3.14
CA PRO A 206 -4.02 16.25 -2.31
C PRO A 206 -5.28 16.63 -3.07
N GLU A 207 -5.21 16.83 -4.40
CA GLU A 207 -6.45 17.11 -5.15
C GLU A 207 -7.26 15.82 -5.39
N HIS A 208 -6.74 14.64 -5.05
CA HIS A 208 -7.48 13.35 -5.19
C HIS A 208 -7.76 12.77 -3.80
N GLY A 209 -8.66 11.81 -3.68
CA GLY A 209 -8.72 10.91 -2.52
C GLY A 209 -7.41 10.15 -2.32
N PRO A 210 -7.25 9.45 -1.18
CA PRO A 210 -6.01 8.70 -0.90
C PRO A 210 -5.83 7.57 -1.93
N VAL A 211 -4.59 7.37 -2.33
CA VAL A 211 -4.11 6.18 -3.08
C VAL A 211 -4.51 4.90 -2.32
N VAL A 212 -4.97 3.88 -3.07
CA VAL A 212 -5.21 2.54 -2.48
C VAL A 212 -3.97 1.71 -2.71
N VAL A 213 -3.34 1.19 -1.65
CA VAL A 213 -2.15 0.32 -1.76
C VAL A 213 -2.38 -1.08 -1.17
N HIS A 214 -2.02 -2.13 -1.94
CA HIS A 214 -2.18 -3.52 -1.44
C HIS A 214 -1.04 -4.45 -1.87
N CYS A 215 -0.89 -5.52 -1.10
CA CYS A 215 -0.07 -6.70 -1.49
C CYS A 215 -0.97 -7.91 -1.21
N SER A 216 -0.50 -8.97 -0.59
CA SER A 216 -1.45 -10.01 -0.15
C SER A 216 -2.15 -9.62 1.15
N ALA A 217 -1.41 -9.37 2.25
CA ALA A 217 -2.06 -9.01 3.54
C ALA A 217 -2.25 -7.48 3.68
N GLY A 218 -1.54 -6.69 2.89
CA GLY A 218 -1.56 -5.21 2.98
C GLY A 218 -0.80 -4.66 4.18
N ILE A 219 0.29 -5.30 4.61
CA ILE A 219 1.13 -4.75 5.73
C ILE A 219 2.62 -4.78 5.41
N GLY A 220 3.11 -5.75 4.63
CA GLY A 220 4.56 -5.94 4.41
C GLY A 220 5.13 -5.07 3.29
N ARG A 221 5.05 -5.52 2.04
CA ARG A 221 5.43 -4.69 0.86
C ARG A 221 4.69 -3.35 0.91
N SER A 222 3.41 -3.36 1.23
CA SER A 222 2.56 -2.14 1.31
C SER A 222 3.14 -1.16 2.34
N GLY A 223 3.58 -1.68 3.50
CA GLY A 223 4.24 -0.89 4.55
C GLY A 223 5.50 -0.23 4.03
N THR A 224 6.29 -0.98 3.25
CA THR A 224 7.57 -0.49 2.70
C THR A 224 7.32 0.69 1.78
N PHE A 225 6.31 0.59 0.92
CA PHE A 225 5.97 1.65 -0.07
C PHE A 225 5.64 2.95 0.70
N CYS A 226 4.73 2.93 1.68
CA CYS A 226 4.28 4.22 2.29
C CYS A 226 5.36 4.78 3.23
N LEU A 227 6.14 3.92 3.89
CA LEU A 227 7.25 4.33 4.78
C LEU A 227 8.33 5.05 3.97
N ALA A 228 8.73 4.48 2.84
CA ALA A 228 9.76 5.14 1.98
C ALA A 228 9.23 6.47 1.47
N ASP A 229 8.03 6.51 0.92
CA ASP A 229 7.44 7.78 0.39
C ASP A 229 7.44 8.89 1.47
N THR A 230 6.87 8.60 2.63
CA THR A 230 6.70 9.58 3.74
C THR A 230 8.08 10.07 4.19
N CYS A 231 9.05 9.19 4.37
CA CYS A 231 10.40 9.58 4.89
C CYS A 231 11.09 10.55 3.89
N LEU A 232 11.01 10.26 2.59
CA LEU A 232 11.61 11.11 1.53
C LEU A 232 10.90 12.46 1.47
N LEU A 233 9.58 12.50 1.65
CA LEU A 233 8.81 13.78 1.67
C LEU A 233 9.27 14.61 2.87
N LEU A 234 9.40 14.00 4.05
CA LEU A 234 9.83 14.75 5.27
C LEU A 234 11.25 15.33 5.12
N MET A 235 12.17 14.61 4.48
CA MET A 235 13.55 15.10 4.22
C MET A 235 13.49 16.32 3.31
N ASP A 236 12.54 16.37 2.37
CA ASP A 236 12.37 17.54 1.46
C ASP A 236 11.84 18.78 2.21
N LYS A 237 11.04 18.57 3.26
CA LYS A 237 10.22 19.63 3.90
C LYS A 237 10.99 20.29 5.08
N ARG A 238 11.71 19.51 5.89
CA ARG A 238 12.31 20.01 7.18
C ARG A 238 13.60 20.80 6.91
N LYS A 239 13.91 21.75 7.81
CA LYS A 239 15.18 22.53 7.79
C LYS A 239 16.36 21.59 8.01
N ASP A 240 16.22 20.60 8.90
CA ASP A 240 17.28 19.59 9.18
C ASP A 240 16.83 18.22 8.67
N PRO A 241 17.24 17.81 7.44
CA PRO A 241 16.90 16.48 6.91
C PRO A 241 17.43 15.33 7.78
N SER A 242 18.59 15.53 8.41
CA SER A 242 19.29 14.56 9.29
C SER A 242 18.38 14.11 10.44
N SER A 243 17.32 14.86 10.71
CA SER A 243 16.39 14.64 11.85
C SER A 243 15.30 13.59 11.51
N VAL A 244 15.28 13.08 10.27
CA VAL A 244 14.19 12.11 9.90
C VAL A 244 14.56 10.75 10.51
N ASP A 245 13.74 10.25 11.41
CA ASP A 245 14.00 8.96 12.12
C ASP A 245 13.01 7.89 11.60
N ILE A 246 13.52 6.97 10.80
CA ILE A 246 12.66 5.99 10.08
C ILE A 246 11.89 5.12 11.10
N LYS A 247 12.51 4.75 12.20
CA LYS A 247 11.87 3.95 13.27
C LYS A 247 10.70 4.74 13.87
N LYS A 248 10.86 6.04 14.09
CA LYS A 248 9.75 6.84 14.65
C LYS A 248 8.63 7.06 13.62
N VAL A 249 8.96 7.19 12.35
CA VAL A 249 7.88 7.31 11.31
C VAL A 249 7.09 5.99 11.27
N LEU A 250 7.78 4.85 11.32
CA LEU A 250 7.12 3.50 11.26
C LEU A 250 6.18 3.34 12.46
N LEU A 251 6.62 3.74 13.67
CA LEU A 251 5.71 3.61 14.85
C LEU A 251 4.49 4.52 14.71
N GLU A 252 4.66 5.72 14.14
CA GLU A 252 3.51 6.62 13.87
C GLU A 252 2.53 5.91 12.93
N MET A 253 3.03 5.32 11.85
CA MET A 253 2.17 4.62 10.85
C MET A 253 1.45 3.42 11.48
N ARG A 254 2.11 2.73 12.42
CA ARG A 254 1.53 1.55 13.13
C ARG A 254 0.42 1.97 14.10
N LYS A 255 0.25 3.26 14.36
CA LYS A 255 -0.96 3.66 15.13
C LYS A 255 -2.22 3.44 14.28
N PHE A 256 -2.08 3.32 12.93
CA PHE A 256 -3.24 3.31 12.01
C PHE A 256 -3.52 1.92 11.41
N ARG A 257 -2.51 1.07 11.30
CA ARG A 257 -2.67 -0.35 10.83
C ARG A 257 -1.59 -1.18 11.46
N MET A 258 -1.97 -2.34 12.03
CA MET A 258 -1.04 -3.27 12.69
C MET A 258 -0.05 -3.88 11.70
N GLY A 259 1.16 -4.22 12.19
CA GLY A 259 2.05 -5.20 11.52
C GLY A 259 2.88 -4.65 10.35
N LEU A 260 2.84 -3.35 10.09
CA LEU A 260 3.50 -2.73 8.91
C LEU A 260 5.00 -3.01 8.99
N ILE A 261 5.54 -3.61 7.92
CA ILE A 261 6.91 -4.15 7.82
C ILE A 261 6.91 -5.49 8.58
N GLN A 262 6.98 -6.58 7.85
CA GLN A 262 6.68 -7.95 8.39
C GLN A 262 7.95 -8.68 8.84
N THR A 263 9.15 -8.24 8.41
CA THR A 263 10.43 -8.96 8.66
C THR A 263 11.55 -7.95 8.90
N ALA A 264 12.63 -8.38 9.58
CA ALA A 264 13.88 -7.61 9.70
C ALA A 264 14.49 -7.29 8.33
N ASP A 265 14.38 -8.18 7.34
CA ASP A 265 14.88 -7.88 5.97
C ASP A 265 14.07 -6.75 5.29
N GLN A 266 12.74 -6.71 5.44
CA GLN A 266 11.91 -5.59 4.94
C GLN A 266 12.33 -4.27 5.66
N LEU A 267 12.64 -4.33 6.96
CA LEU A 267 13.10 -3.09 7.67
C LEU A 267 14.41 -2.61 7.03
N ARG A 268 15.40 -3.50 6.88
CA ARG A 268 16.71 -3.15 6.25
C ARG A 268 16.51 -2.59 4.84
N PHE A 269 15.68 -3.24 4.01
CA PHE A 269 15.35 -2.74 2.64
C PHE A 269 14.76 -1.31 2.68
N SER A 270 13.89 -0.98 3.65
CA SER A 270 13.25 0.36 3.75
C SER A 270 14.35 1.39 4.01
N TYR A 271 15.28 1.12 4.92
CA TYR A 271 16.47 1.98 5.14
C TYR A 271 17.24 2.19 3.84
N LEU A 272 17.56 1.10 3.13
CA LEU A 272 18.34 1.20 1.86
C LEU A 272 17.62 2.10 0.87
N ALA A 273 16.29 1.91 0.70
CA ALA A 273 15.51 2.67 -0.29
C ALA A 273 15.55 4.17 0.07
N VAL A 274 15.34 4.51 1.34
CA VAL A 274 15.33 5.93 1.77
C VAL A 274 16.72 6.55 1.56
N ILE A 275 17.77 5.84 1.93
CA ILE A 275 19.17 6.34 1.82
C ILE A 275 19.52 6.62 0.35
N GLU A 276 19.19 5.67 -0.53
CA GLU A 276 19.48 5.79 -1.99
C GLU A 276 18.57 6.86 -2.61
N GLY A 277 17.30 6.95 -2.18
CA GLY A 277 16.34 7.93 -2.73
C GLY A 277 16.77 9.35 -2.37
N ALA A 278 17.50 9.49 -1.26
CA ALA A 278 18.09 10.75 -0.77
C ALA A 278 19.38 11.05 -1.56
N LYS A 279 20.25 10.05 -1.73
CA LYS A 279 21.55 10.20 -2.45
C LYS A 279 21.30 10.77 -3.85
N PHE A 280 20.25 10.33 -4.56
CA PHE A 280 19.96 10.76 -5.95
C PHE A 280 19.30 12.15 -5.96
N ILE A 281 18.44 12.44 -4.98
CA ILE A 281 17.86 13.81 -4.79
C ILE A 281 18.99 14.78 -4.38
N MET A 282 20.11 14.25 -3.87
CA MET A 282 21.32 15.04 -3.49
C MET A 282 22.05 15.48 -4.78
N GLY A 283 21.72 14.83 -5.90
CA GLY A 283 22.28 15.13 -7.24
C GLY A 283 21.71 14.20 -8.30
N ASP A 284 20.66 14.65 -9.01
CA ASP A 284 19.95 13.85 -10.05
C ASP A 284 20.60 14.09 -11.42
C TRS B . -9.58 9.20 14.17
C1 TRS B . -8.56 8.06 14.36
C2 TRS B . -8.95 10.59 14.43
C3 TRS B . -10.74 8.95 15.09
N TRS B . -10.14 9.16 12.76
O1 TRS B . -7.91 7.69 13.14
O2 TRS B . -7.55 10.60 14.20
O3 TRS B . -11.35 7.65 14.85
H11 TRS B . -9.02 7.27 14.71
H12 TRS B . -7.89 8.33 15.01
H21 TRS B . -9.13 10.85 15.36
H22 TRS B . -9.38 11.24 13.85
H31 TRS B . -11.40 9.65 14.97
H32 TRS B . -10.41 8.98 16.01
HN1 TRS B . -11.04 9.30 12.77
HN2 TRS B . -9.98 8.37 12.37
HN3 TRS B . -9.76 9.81 12.24
HO1 TRS B . -7.28 7.00 13.09
HO2 TRS B . -6.94 11.00 14.17
HO3 TRS B . -11.27 7.44 14.04
O1 R7T C . 21.63 12.83 7.16
C7 R7T C . 22.26 13.67 6.47
O2 R7T C . 23.45 13.95 6.80
C4 R7T C . 21.58 14.34 5.29
C5 R7T C . 22.14 15.49 4.76
C6 R7T C . 21.54 16.12 3.68
C3 R7T C . 20.40 13.81 4.73
C2 R7T C . 19.80 14.45 3.66
C1 R7T C . 20.38 15.60 3.13
C8 R7T C . 19.81 16.39 1.95
C9 R7T C . 18.41 15.95 1.49
S R7T C . 17.96 14.50 0.69
C12 R7T C . 16.29 14.83 0.51
C11 R7T C . 16.11 16.08 1.08
C10 R7T C . 17.24 16.68 1.59
H2 R7T C . 23.05 15.90 5.18
H3 R7T C . 21.97 17.02 3.27
H4 R7T C . 19.96 12.91 5.15
H5 R7T C . 18.89 14.03 3.24
H6 R7T C . 20.49 16.29 1.10
H7 R7T C . 19.76 17.45 2.23
H8 R7T C . 15.54 14.20 0.06
H9 R7T C . 15.14 16.56 1.12
H10 R7T C . 17.20 17.67 2.06
#